data_3VSS
#
_entry.id   3VSS
#
_cell.length_a   58.416
_cell.length_b   71.979
_cell.length_c   58.811
_cell.angle_alpha   90.00
_cell.angle_beta   95.09
_cell.angle_gamma   90.00
#
_symmetry.space_group_name_H-M   'P 1 21 1'
#
loop_
_entity.id
_entity.type
_entity.pdbx_description
1 polymer Beta-fructofuranosidase
2 non-polymer beta-D-fructofuranose
3 water water
#
_entity_poly.entity_id   1
_entity_poly.type   'polypeptide(L)'
_entity_poly.pdbx_seq_one_letter_code
;QSGLQDGPEPTIHTQQAYAPEDDFTAKWTRADARQLQRMSDPTAPSRENSMPASVTMPTVPQDFPDMSNEQVWVWDTWPL
TDEDANQYSVNGWEIIFSLVADRNLGFDDRHVFAKIGYFYRPAGVPAAERPENGGWTYGGLVFKEGVTGQIFEDQSFSHQ
TQWSGSARVSKNGEIKLFFTDVAFYRNSDGTNIKPYDPRIALSVGKVKANKKGVTLTGFNKVTDLLQADGTYYQTGAQNE
FFNFRDPFTFEDPAHPGETFMVFEGNSAMQRETATCNEADLGYRQGDPYAETVDDVNASGATYQIGNVGLAKAKNKQLTE
WEFLPPILSANCVTDQTERPQIYFKDGKSYLFTISHRGTFAAGLDGPEGVYGFVGDGIRSDYQPLNGGSGLALGNPTNLN
FLGGQPFAPDFNQHPGHFQAYSHYVMPGGLVQSFIDTIGTHDDFVRGGTLAPTVKMDIGVGGDPTKTAVDYSYGSEGLGG
WADIPANKHLFTNGKF
;
_entity_poly.pdbx_strand_id   A
#
# COMPACT_ATOMS: atom_id res chain seq x y z
N GLY A 3 -17.72 0.46 -23.61
CA GLY A 3 -18.01 0.79 -22.19
C GLY A 3 -17.33 2.06 -21.74
N LEU A 4 -16.76 2.80 -22.69
CA LEU A 4 -15.99 4.00 -22.39
C LEU A 4 -16.69 5.28 -22.82
N GLN A 5 -16.85 6.21 -21.87
CA GLN A 5 -17.28 7.56 -22.19
C GLN A 5 -16.20 8.23 -23.03
N ASP A 6 -16.61 9.11 -23.94
CA ASP A 6 -15.66 9.91 -24.72
C ASP A 6 -14.73 10.65 -23.78
N GLY A 7 -13.47 10.70 -24.16
CA GLY A 7 -12.46 11.39 -23.37
C GLY A 7 -11.12 11.21 -24.04
N PRO A 8 -10.04 11.62 -23.35
CA PRO A 8 -8.67 11.49 -23.86
C PRO A 8 -8.27 10.03 -24.07
N GLU A 9 -7.41 9.79 -25.06
CA GLU A 9 -6.72 8.52 -25.21
C GLU A 9 -5.66 8.37 -24.12
N PRO A 10 -5.41 7.13 -23.65
CA PRO A 10 -4.31 6.91 -22.70
C PRO A 10 -2.93 7.14 -23.35
N THR A 11 -1.94 7.47 -22.52
CA THR A 11 -0.56 7.62 -22.94
C THR A 11 -0.03 6.28 -23.42
N ILE A 12 0.74 6.31 -24.52
CA ILE A 12 1.33 5.08 -25.01
C ILE A 12 2.54 4.73 -24.15
N HIS A 13 2.48 3.56 -23.54
CA HIS A 13 3.59 3.06 -22.74
C HIS A 13 4.19 1.82 -23.41
N THR A 14 5.50 1.71 -23.38
CA THR A 14 6.20 0.65 -24.11
C THR A 14 6.51 -0.58 -23.27
N GLN A 15 6.52 -0.43 -21.94
CA GLN A 15 6.89 -1.51 -21.01
C GLN A 15 8.38 -1.89 -21.11
N GLN A 16 9.14 -1.16 -21.92
CA GLN A 16 10.57 -1.37 -22.08
C GLN A 16 11.32 -1.31 -20.74
N ALA A 17 12.16 -2.31 -20.49
CA ALA A 17 12.96 -2.36 -19.27
C ALA A 17 14.18 -1.45 -19.38
N TYR A 18 14.58 -0.86 -18.25
CA TYR A 18 15.81 -0.11 -18.14
C TYR A 18 16.66 -0.75 -17.01
N ALA A 19 17.90 -0.31 -16.86
CA ALA A 19 18.73 -0.77 -15.77
C ALA A 19 18.22 -0.13 -14.47
N PRO A 20 18.21 -0.89 -13.38
CA PRO A 20 17.77 -0.37 -12.08
C PRO A 20 18.45 0.94 -11.69
N GLU A 21 19.68 1.14 -12.20
CA GLU A 21 20.46 2.35 -11.88
C GLU A 21 20.18 3.53 -12.82
N ASP A 22 19.52 3.28 -13.97
CA ASP A 22 19.14 4.32 -14.93
C ASP A 22 18.26 5.38 -14.27
N ASP A 23 18.28 6.59 -14.80
CA ASP A 23 17.48 7.68 -14.23
C ASP A 23 16.06 7.79 -14.82
N PHE A 24 15.66 6.79 -15.62
CA PHE A 24 14.31 6.74 -16.18
C PHE A 24 13.24 6.54 -15.11
N THR A 25 12.24 7.41 -15.14
CA THR A 25 11.11 7.33 -14.22
C THR A 25 9.85 7.26 -15.07
N ALA A 26 9.11 6.16 -14.94
CA ALA A 26 7.82 6.01 -15.61
C ALA A 26 6.80 6.99 -15.04
N LYS A 27 5.91 7.45 -15.91
CA LYS A 27 4.89 8.39 -15.47
C LYS A 27 3.51 7.74 -15.55
N TRP A 28 2.75 7.90 -14.47
CA TRP A 28 1.32 7.63 -14.49
C TRP A 28 0.70 8.98 -14.82
N THR A 29 0.31 9.16 -16.08
CA THR A 29 0.00 10.52 -16.58
C THR A 29 -1.43 10.95 -16.30
N ARG A 30 -1.72 12.24 -16.49
CA ARG A 30 -3.09 12.72 -16.43
C ARG A 30 -3.97 12.06 -17.50
N ALA A 31 -3.44 11.88 -18.71
CA ALA A 31 -4.17 11.16 -19.77
C ALA A 31 -4.53 9.75 -19.32
N ASP A 32 -3.55 9.07 -18.72
CA ASP A 32 -3.76 7.76 -18.11
C ASP A 32 -4.84 7.79 -17.02
N ALA A 33 -4.67 8.66 -16.02
CA ALA A 33 -5.60 8.73 -14.89
C ALA A 33 -7.04 9.11 -15.32
N ARG A 34 -7.16 9.89 -16.38
CA ARG A 34 -8.48 10.24 -16.91
C ARG A 34 -9.25 9.05 -17.52
N GLN A 35 -8.56 7.94 -17.77
CA GLN A 35 -9.23 6.69 -18.16
C GLN A 35 -10.21 6.19 -17.06
N LEU A 36 -9.89 6.46 -15.79
CA LEU A 36 -10.77 6.13 -14.66
C LEU A 36 -12.20 6.72 -14.83
N GLN A 37 -12.28 7.97 -15.27
CA GLN A 37 -13.58 8.62 -15.48
C GLN A 37 -14.27 8.07 -16.74
N ARG A 38 -13.48 7.75 -17.75
CA ARG A 38 -14.01 7.11 -18.96
C ARG A 38 -14.69 5.76 -18.66
N MET A 39 -14.09 4.96 -17.77
CA MET A 39 -14.67 3.66 -17.38
C MET A 39 -15.90 3.80 -16.47
N SER A 40 -16.09 4.97 -15.90
CA SER A 40 -17.20 5.18 -14.97
C SER A 40 -18.52 5.37 -15.73
N ASP A 41 -19.60 4.83 -15.17
CA ASP A 41 -20.92 4.97 -15.76
C ASP A 41 -21.53 6.28 -15.24
N PRO A 42 -21.72 7.27 -16.13
CA PRO A 42 -22.20 8.57 -15.64
C PRO A 42 -23.64 8.56 -15.14
N THR A 43 -24.39 7.50 -15.45
CA THR A 43 -25.81 7.42 -15.09
C THR A 43 -26.06 6.67 -13.78
N ALA A 44 -25.01 6.08 -13.19
CA ALA A 44 -25.16 5.29 -11.97
C ALA A 44 -25.91 6.06 -10.87
N PRO A 45 -27.00 5.46 -10.34
CA PRO A 45 -27.81 6.15 -9.33
C PRO A 45 -27.13 6.23 -7.95
N SER A 46 -27.67 7.09 -7.09
CA SER A 46 -27.17 7.24 -5.72
C SER A 46 -26.91 5.90 -5.07
N ARG A 47 -25.74 5.78 -4.44
CA ARG A 47 -25.37 4.62 -3.62
C ARG A 47 -25.03 3.37 -4.41
N GLU A 48 -25.08 3.46 -5.73
CA GLU A 48 -24.63 2.36 -6.57
C GLU A 48 -23.21 2.61 -7.07
N ASN A 49 -22.48 1.52 -7.28
CA ASN A 49 -21.13 1.57 -7.82
C ASN A 49 -21.20 2.02 -9.29
N SER A 50 -20.34 2.96 -9.67
CA SER A 50 -20.31 3.44 -11.05
C SER A 50 -19.17 2.80 -11.83
N MET A 51 -18.28 2.12 -11.11
CA MET A 51 -17.09 1.54 -11.73
C MET A 51 -17.40 0.12 -12.21
N PRO A 52 -16.62 -0.39 -13.18
CA PRO A 52 -16.90 -1.74 -13.66
C PRO A 52 -16.67 -2.74 -12.55
N ALA A 53 -17.52 -3.76 -12.50
CA ALA A 53 -17.45 -4.76 -11.45
C ALA A 53 -16.12 -5.54 -11.46
N SER A 54 -15.54 -5.72 -12.64
CA SER A 54 -14.31 -6.48 -12.78
C SER A 54 -13.10 -5.82 -12.13
N VAL A 55 -13.18 -4.51 -11.88
CA VAL A 55 -12.11 -3.77 -11.18
C VAL A 55 -12.61 -3.18 -9.84
N THR A 56 -13.71 -3.75 -9.32
CA THR A 56 -14.30 -3.35 -8.04
C THR A 56 -14.26 -4.50 -7.02
N MET A 57 -13.69 -4.24 -5.84
CA MET A 57 -13.72 -5.17 -4.72
C MET A 57 -15.16 -5.53 -4.38
N PRO A 58 -15.45 -6.83 -4.20
CA PRO A 58 -16.76 -7.27 -3.73
C PRO A 58 -17.19 -6.54 -2.45
N THR A 59 -18.48 -6.30 -2.31
CA THR A 59 -18.99 -5.53 -1.18
C THR A 59 -18.87 -6.31 0.12
N VAL A 60 -18.29 -5.63 1.11
CA VAL A 60 -18.06 -6.20 2.44
C VAL A 60 -19.27 -5.93 3.35
N PRO A 61 -19.82 -6.99 4.00
CA PRO A 61 -20.94 -6.86 4.96
C PRO A 61 -20.62 -5.89 6.08
N GLN A 62 -21.59 -5.04 6.43
CA GLN A 62 -21.44 -4.07 7.51
C GLN A 62 -21.40 -4.77 8.87
N ASP A 63 -21.98 -5.96 8.92
CA ASP A 63 -21.92 -6.78 10.11
C ASP A 63 -20.70 -7.69 10.02
N PHE A 64 -19.56 -7.18 10.49
CA PHE A 64 -18.29 -7.91 10.34
C PHE A 64 -17.71 -8.37 11.68
N PRO A 65 -16.94 -9.47 11.66
CA PRO A 65 -16.25 -9.88 12.88
C PRO A 65 -15.01 -9.01 13.13
N ASP A 66 -14.54 -9.00 14.37
CA ASP A 66 -13.30 -8.33 14.73
C ASP A 66 -12.21 -9.34 15.03
N MET A 67 -11.08 -9.20 14.34
CA MET A 67 -10.00 -10.19 14.38
C MET A 67 -9.26 -10.28 15.70
N SER A 68 -9.26 -9.20 16.47
CA SER A 68 -8.59 -9.18 17.76
C SER A 68 -9.57 -9.20 18.94
N ASN A 69 -10.85 -9.45 18.66
CA ASN A 69 -11.90 -9.34 19.68
C ASN A 69 -11.84 -7.99 20.41
N GLU A 70 -11.57 -6.94 19.64
CA GLU A 70 -11.55 -5.55 20.11
C GLU A 70 -10.46 -5.26 21.13
N GLN A 71 -9.40 -6.07 21.17
CA GLN A 71 -8.26 -5.79 22.03
C GLN A 71 -7.53 -4.54 21.56
N VAL A 72 -7.44 -4.40 20.23
CA VAL A 72 -6.72 -3.29 19.59
C VAL A 72 -7.40 -2.88 18.29
N TRP A 73 -7.10 -1.68 17.81
CA TRP A 73 -7.37 -1.28 16.45
C TRP A 73 -6.28 -1.91 15.56
N VAL A 74 -6.69 -2.54 14.45
CA VAL A 74 -5.74 -3.19 13.52
C VAL A 74 -5.88 -2.61 12.12
N TRP A 75 -4.78 -2.23 11.48
CA TRP A 75 -4.85 -1.84 10.08
C TRP A 75 -3.79 -2.48 9.16
N ASP A 76 -2.89 -1.70 8.55
CA ASP A 76 -1.90 -2.23 7.60
C ASP A 76 -1.26 -3.53 8.07
N THR A 77 -1.36 -4.58 7.27
CA THR A 77 -0.86 -5.91 7.65
C THR A 77 0.08 -6.50 6.61
N TRP A 78 1.14 -7.16 7.07
CA TRP A 78 2.02 -7.92 6.18
C TRP A 78 2.33 -9.30 6.71
N PRO A 79 2.48 -10.28 5.79
CA PRO A 79 2.89 -11.64 6.14
C PRO A 79 4.41 -11.71 6.31
N LEU A 80 4.87 -12.89 6.71
CA LEU A 80 6.29 -13.21 6.70
C LEU A 80 6.70 -13.71 5.31
N THR A 81 7.72 -13.08 4.70
CA THR A 81 8.07 -13.37 3.28
C THR A 81 9.52 -13.76 3.01
N ASP A 82 9.76 -14.47 1.90
CA ASP A 82 11.11 -14.61 1.38
C ASP A 82 11.36 -13.59 0.28
N GLU A 83 12.43 -13.80 -0.49
CA GLU A 83 12.83 -12.87 -1.54
C GLU A 83 11.91 -12.92 -2.78
N ASP A 84 11.03 -13.92 -2.83
CA ASP A 84 10.06 -14.11 -3.91
C ASP A 84 8.64 -13.79 -3.44
N ALA A 85 8.55 -13.17 -2.26
CA ALA A 85 7.26 -12.80 -1.63
C ALA A 85 6.33 -14.00 -1.32
N ASN A 86 6.88 -15.21 -1.27
CA ASN A 86 6.15 -16.38 -0.75
C ASN A 86 5.86 -16.12 0.74
N GLN A 87 4.74 -16.62 1.24
CA GLN A 87 4.35 -16.32 2.61
C GLN A 87 4.50 -17.56 3.48
N TYR A 88 5.01 -17.36 4.69
CA TYR A 88 5.49 -18.47 5.51
C TYR A 88 4.70 -18.71 6.77
N SER A 89 4.55 -20.00 7.10
CA SER A 89 4.30 -20.43 8.47
C SER A 89 5.63 -20.87 9.09
N VAL A 90 5.71 -20.76 10.43
CA VAL A 90 6.88 -21.24 11.18
C VAL A 90 6.44 -22.22 12.27
N ASN A 91 7.01 -23.42 12.22
CA ASN A 91 6.68 -24.51 13.17
C ASN A 91 5.18 -24.73 13.32
N GLY A 92 4.43 -24.58 12.23
CA GLY A 92 3.00 -24.86 12.22
C GLY A 92 2.11 -23.65 12.48
N TRP A 93 2.71 -22.46 12.48
CA TRP A 93 1.98 -21.23 12.70
C TRP A 93 2.11 -20.22 11.57
N GLU A 94 0.97 -19.76 11.06
CA GLU A 94 1.00 -18.59 10.19
C GLU A 94 1.24 -17.38 11.07
N ILE A 95 2.13 -16.49 10.63
CA ILE A 95 2.49 -15.29 11.39
C ILE A 95 2.33 -14.04 10.53
N ILE A 96 1.72 -13.01 11.11
CA ILE A 96 1.57 -11.70 10.47
C ILE A 96 1.95 -10.56 11.42
N PHE A 97 2.31 -9.43 10.82
CA PHE A 97 2.61 -8.18 11.53
C PHE A 97 1.56 -7.16 11.12
N SER A 98 1.11 -6.33 12.05
CA SER A 98 0.11 -5.33 11.74
C SER A 98 0.40 -4.06 12.49
N LEU A 99 -0.02 -2.93 11.93
CA LEU A 99 -0.07 -1.70 12.69
C LEU A 99 -1.25 -1.85 13.64
N VAL A 100 -1.02 -1.51 14.91
CA VAL A 100 -2.06 -1.62 15.94
C VAL A 100 -2.03 -0.39 16.80
N ALA A 101 -3.14 -0.14 17.51
CA ALA A 101 -3.19 0.95 18.46
C ALA A 101 -4.22 0.67 19.54
N ASP A 102 -4.03 1.33 20.67
CA ASP A 102 -4.95 1.23 21.82
C ASP A 102 -6.40 1.41 21.36
N ARG A 103 -7.22 0.40 21.60
CA ARG A 103 -8.65 0.44 21.25
C ARG A 103 -9.41 1.61 21.91
N ASN A 104 -8.85 2.18 22.98
CA ASN A 104 -9.47 3.32 23.66
C ASN A 104 -9.37 4.63 22.90
N LEU A 105 -8.41 4.71 21.98
CA LEU A 105 -8.25 5.88 21.13
C LEU A 105 -9.40 5.98 20.16
N GLY A 106 -9.74 7.21 19.78
CA GLY A 106 -10.65 7.42 18.67
C GLY A 106 -9.97 6.90 17.41
N PHE A 107 -10.71 6.16 16.59
CA PHE A 107 -10.09 5.47 15.46
C PHE A 107 -9.26 6.41 14.59
N ASP A 108 -9.72 7.65 14.42
CA ASP A 108 -9.02 8.61 13.58
C ASP A 108 -7.79 9.24 14.23
N ASP A 109 -7.63 9.04 15.54
CA ASP A 109 -6.48 9.58 16.24
C ASP A 109 -5.35 8.57 16.38
N ARG A 110 -5.53 7.38 15.79
CA ARG A 110 -4.60 6.28 16.08
C ARG A 110 -3.26 6.30 15.37
N HIS A 111 -3.15 7.08 14.30
CA HIS A 111 -1.94 7.07 13.46
C HIS A 111 -0.67 7.56 14.16
N VAL A 112 -0.82 8.49 15.11
CA VAL A 112 0.31 8.98 15.89
C VAL A 112 0.53 8.17 17.17
N PHE A 113 -0.26 7.10 17.34
CA PHE A 113 -0.01 6.13 18.42
C PHE A 113 0.24 4.75 17.87
N ALA A 114 0.48 4.66 16.56
CA ALA A 114 0.70 3.40 15.84
C ALA A 114 1.94 2.67 16.33
N LYS A 115 1.81 1.36 16.42
CA LYS A 115 2.89 0.46 16.80
C LYS A 115 2.72 -0.84 16.03
N ILE A 116 3.79 -1.59 15.87
CA ILE A 116 3.74 -2.84 15.14
C ILE A 116 3.52 -3.98 16.13
N GLY A 117 2.46 -4.74 15.89
CA GLY A 117 2.16 -5.92 16.67
C GLY A 117 2.22 -7.13 15.76
N TYR A 118 2.05 -8.31 16.32
CA TYR A 118 2.01 -9.51 15.51
C TYR A 118 0.84 -10.41 15.92
N PHE A 119 0.38 -11.21 14.95
CA PHE A 119 -0.67 -12.19 15.21
C PHE A 119 -0.20 -13.56 14.72
N TYR A 120 -0.75 -14.63 15.27
CA TYR A 120 -0.45 -15.97 14.79
C TYR A 120 -1.65 -16.88 14.91
N ARG A 121 -1.66 -17.93 14.08
CA ARG A 121 -2.73 -18.92 14.09
C ARG A 121 -2.19 -20.18 13.46
N PRO A 122 -2.84 -21.34 13.72
CA PRO A 122 -2.36 -22.60 13.16
C PRO A 122 -2.35 -22.59 11.63
N ALA A 123 -1.29 -23.15 11.05
CA ALA A 123 -1.20 -23.28 9.62
C ALA A 123 -2.04 -24.46 9.16
N GLY A 124 -2.39 -24.49 7.88
CA GLY A 124 -2.99 -25.68 7.25
C GLY A 124 -4.44 -25.96 7.59
N VAL A 125 -5.18 -24.93 7.98
CA VAL A 125 -6.62 -25.06 8.22
C VAL A 125 -7.34 -24.29 7.11
N PRO A 126 -8.27 -24.95 6.40
CA PRO A 126 -8.98 -24.23 5.33
C PRO A 126 -9.86 -23.12 5.90
N ALA A 127 -9.96 -22.02 5.16
CA ALA A 127 -10.67 -20.82 5.60
C ALA A 127 -12.06 -21.10 6.17
N ALA A 128 -12.75 -22.11 5.63
CA ALA A 128 -14.10 -22.48 6.06
C ALA A 128 -14.13 -23.25 7.40
N GLU A 129 -13.01 -23.90 7.73
CA GLU A 129 -12.88 -24.66 8.98
C GLU A 129 -12.42 -23.77 10.16
N ARG A 130 -11.83 -22.63 9.85
CA ARG A 130 -11.36 -21.69 10.87
C ARG A 130 -12.52 -20.94 11.52
N PRO A 131 -12.29 -20.35 12.71
CA PRO A 131 -13.31 -19.44 13.25
C PRO A 131 -13.68 -18.34 12.23
N GLU A 132 -14.89 -17.82 12.33
CA GLU A 132 -15.35 -16.75 11.46
C GLU A 132 -14.38 -15.56 11.42
N ASN A 133 -13.85 -15.20 12.59
CA ASN A 133 -12.98 -14.04 12.70
C ASN A 133 -11.52 -14.29 12.26
N GLY A 134 -11.27 -15.47 11.71
CA GLY A 134 -9.94 -15.82 11.21
C GLY A 134 -9.11 -16.65 12.18
N GLY A 135 -9.44 -16.55 13.48
CA GLY A 135 -8.81 -17.36 14.52
C GLY A 135 -7.40 -16.94 14.94
N TRP A 136 -7.05 -15.69 14.71
CA TRP A 136 -5.75 -15.16 15.08
C TRP A 136 -5.64 -14.92 16.59
N THR A 137 -4.45 -15.15 17.15
CA THR A 137 -4.11 -14.72 18.49
C THR A 137 -3.25 -13.46 18.38
N TYR A 138 -3.62 -12.42 19.15
CA TYR A 138 -2.77 -11.24 19.25
C TYR A 138 -1.55 -11.54 20.12
N GLY A 139 -0.38 -11.60 19.51
CA GLY A 139 0.86 -11.81 20.25
C GLY A 139 1.37 -10.61 21.05
N GLY A 140 0.78 -9.43 20.83
CA GLY A 140 1.26 -8.18 21.45
C GLY A 140 2.20 -7.38 20.56
N LEU A 141 2.89 -6.40 21.14
CA LEU A 141 3.81 -5.54 20.39
C LEU A 141 5.13 -6.21 20.09
N VAL A 142 5.71 -5.88 18.95
CA VAL A 142 7.02 -6.39 18.57
C VAL A 142 8.15 -5.76 19.37
N PHE A 143 8.06 -4.45 19.62
CA PHE A 143 9.13 -3.69 20.29
C PHE A 143 8.83 -3.32 21.73
N LYS A 144 9.83 -3.53 22.59
CA LYS A 144 9.82 -2.95 23.92
C LYS A 144 9.82 -1.43 23.80
N GLU A 145 9.09 -0.79 24.71
CA GLU A 145 9.08 0.66 24.86
C GLU A 145 10.49 1.28 24.81
N GLY A 146 10.64 2.33 24.02
CA GLY A 146 11.90 3.06 23.91
C GLY A 146 12.94 2.48 22.94
N VAL A 147 12.65 1.37 22.30
CA VAL A 147 13.59 0.79 21.32
C VAL A 147 13.62 1.60 20.02
N THR A 148 12.46 1.80 19.40
CA THR A 148 12.40 2.44 18.08
C THR A 148 12.81 3.92 18.07
N GLY A 149 12.76 4.56 19.23
CA GLY A 149 13.23 5.95 19.36
C GLY A 149 14.74 6.13 19.22
N GLN A 150 15.47 5.01 19.25
CA GLN A 150 16.95 4.98 19.19
C GLN A 150 17.60 5.86 18.16
N ILE A 151 17.03 5.85 16.97
CA ILE A 151 17.70 6.38 15.79
C ILE A 151 17.63 7.90 15.63
N PHE A 152 16.75 8.53 16.41
CA PHE A 152 16.50 9.95 16.28
C PHE A 152 17.42 10.78 17.17
N GLU A 153 18.21 11.67 16.56
CA GLU A 153 19.02 12.63 17.31
C GLU A 153 18.13 13.53 18.20
N ASP A 154 17.06 14.04 17.62
CA ASP A 154 16.14 14.93 18.31
C ASP A 154 15.14 14.12 19.15
N GLN A 155 15.44 13.97 20.42
CA GLN A 155 14.61 13.16 21.29
C GLN A 155 13.42 13.93 21.89
N SER A 156 13.12 15.11 21.32
CA SER A 156 12.04 15.96 21.83
C SER A 156 10.67 15.63 21.26
N PHE A 157 10.55 14.52 20.54
CA PHE A 157 9.29 14.16 19.90
C PHE A 157 8.10 14.05 20.86
N SER A 158 6.94 14.51 20.41
CA SER A 158 5.68 14.34 21.14
C SER A 158 5.08 12.96 20.90
N HIS A 159 5.42 12.39 19.75
CA HIS A 159 4.87 11.09 19.35
C HIS A 159 5.95 10.31 18.64
N GLN A 160 5.98 9.00 18.84
CA GLN A 160 6.94 8.17 18.15
C GLN A 160 6.25 6.88 17.73
N THR A 161 6.18 6.63 16.43
CA THR A 161 5.40 5.50 15.93
C THR A 161 6.18 4.55 15.02
N GLN A 162 5.61 3.36 14.85
CA GLN A 162 6.07 2.40 13.88
C GLN A 162 4.97 2.27 12.84
N TRP A 163 5.34 2.60 11.60
CA TRP A 163 4.46 2.50 10.46
C TRP A 163 4.85 1.32 9.56
N SER A 164 4.22 1.22 8.40
CA SER A 164 4.23 -0.02 7.63
CA SER A 164 4.22 0.00 7.58
C SER A 164 5.56 -0.40 7.00
N GLY A 165 5.72 -1.68 6.69
CA GLY A 165 6.92 -2.17 6.01
C GLY A 165 6.72 -3.58 5.51
N SER A 166 7.69 -4.45 5.77
CA SER A 166 7.62 -5.85 5.37
C SER A 166 8.50 -6.65 6.32
N ALA A 167 8.45 -7.97 6.22
CA ALA A 167 9.17 -8.85 7.14
C ALA A 167 9.73 -10.05 6.41
N ARG A 168 11.06 -10.18 6.42
CA ARG A 168 11.70 -11.27 5.69
C ARG A 168 12.12 -12.37 6.67
N VAL A 169 11.90 -13.63 6.29
CA VAL A 169 12.34 -14.74 7.13
C VAL A 169 13.36 -15.60 6.41
N SER A 170 14.44 -15.94 7.11
CA SER A 170 15.51 -16.77 6.56
C SER A 170 15.21 -18.26 6.85
N LYS A 171 15.97 -19.14 6.21
CA LYS A 171 15.85 -20.59 6.42
C LYS A 171 16.17 -20.98 7.86
N ASN A 172 17.00 -20.16 8.51
CA ASN A 172 17.39 -20.39 9.90
C ASN A 172 16.53 -19.65 10.93
N GLY A 173 15.40 -19.10 10.50
CA GLY A 173 14.39 -18.50 11.41
C GLY A 173 14.62 -17.06 11.87
N GLU A 174 15.56 -16.37 11.22
CA GLU A 174 15.83 -14.95 11.47
C GLU A 174 14.80 -14.08 10.77
N ILE A 175 14.24 -13.11 11.50
CA ILE A 175 13.32 -12.13 10.92
C ILE A 175 14.01 -10.79 10.76
N LYS A 176 14.00 -10.28 9.53
CA LYS A 176 14.38 -8.92 9.24
C LYS A 176 13.11 -8.13 9.03
N LEU A 177 12.76 -7.31 10.02
CA LEU A 177 11.59 -6.45 9.93
C LEU A 177 11.98 -5.06 9.39
N PHE A 178 11.57 -4.78 8.15
CA PHE A 178 11.72 -3.46 7.54
C PHE A 178 10.45 -2.68 7.82
N PHE A 179 10.59 -1.52 8.45
CA PHE A 179 9.45 -0.70 8.79
C PHE A 179 9.73 0.78 8.65
N THR A 180 8.70 1.58 8.87
CA THR A 180 8.84 3.02 8.86
C THR A 180 8.87 3.50 10.30
N ASP A 181 10.00 4.06 10.71
CA ASP A 181 10.19 4.53 12.07
C ASP A 181 9.95 6.04 12.08
N VAL A 182 8.96 6.51 12.83
CA VAL A 182 8.54 7.90 12.67
C VAL A 182 8.55 8.71 13.98
N ALA A 183 9.22 9.86 13.96
CA ALA A 183 9.11 10.83 15.07
C ALA A 183 8.29 12.06 14.66
N PHE A 184 7.38 12.47 15.55
CA PHE A 184 6.49 13.63 15.40
C PHE A 184 6.82 14.68 16.44
N TYR A 185 6.76 15.94 16.03
CA TYR A 185 7.06 17.07 16.92
C TYR A 185 5.85 18.00 16.92
N ARG A 186 4.82 17.64 17.67
CA ARG A 186 3.53 18.32 17.58
C ARG A 186 3.19 19.08 18.86
N ASN A 187 2.48 20.20 18.71
CA ASN A 187 1.82 20.88 19.83
C ASN A 187 0.56 20.10 20.21
N SER A 188 -0.09 20.46 21.32
CA SER A 188 -1.24 19.68 21.80
C SER A 188 -2.40 19.66 20.80
N ASP A 189 -2.51 20.70 19.96
CA ASP A 189 -3.56 20.75 18.93
C ASP A 189 -3.22 20.01 17.63
N GLY A 190 -1.99 19.49 17.53
CA GLY A 190 -1.61 18.74 16.32
C GLY A 190 -0.71 19.49 15.34
N THR A 191 -0.57 20.80 15.52
CA THR A 191 0.30 21.63 14.68
C THR A 191 1.76 21.25 14.88
N ASN A 192 2.51 21.12 13.78
CA ASN A 192 3.92 20.78 13.85
C ASN A 192 4.74 21.88 14.49
N ILE A 193 5.80 21.47 15.19
CA ILE A 193 6.86 22.36 15.65
C ILE A 193 7.95 22.35 14.57
N LYS A 194 8.11 21.20 13.94
CA LYS A 194 8.98 21.04 12.79
C LYS A 194 8.36 19.90 11.99
N PRO A 195 8.73 19.76 10.72
CA PRO A 195 8.11 18.66 9.98
C PRO A 195 8.44 17.32 10.64
N TYR A 196 7.52 16.37 10.56
CA TYR A 196 7.78 15.04 11.09
C TYR A 196 8.97 14.34 10.45
N ASP A 197 9.43 13.27 11.08
CA ASP A 197 10.64 12.59 10.67
C ASP A 197 10.36 11.09 10.48
N PRO A 198 9.95 10.68 9.26
CA PRO A 198 9.80 9.27 8.91
C PRO A 198 11.05 8.71 8.25
N ARG A 199 11.53 7.57 8.75
CA ARG A 199 12.73 6.93 8.21
C ARG A 199 12.47 5.46 7.94
N ILE A 200 13.08 4.95 6.87
CA ILE A 200 13.04 3.53 6.61
C ILE A 200 14.11 2.85 7.49
N ALA A 201 13.69 1.82 8.22
CA ALA A 201 14.50 1.24 9.29
C ALA A 201 14.41 -0.27 9.28
N LEU A 202 15.34 -0.90 10.00
CA LEU A 202 15.42 -2.35 10.08
C LEU A 202 15.65 -2.77 11.52
N SER A 203 14.91 -3.79 11.95
CA SER A 203 15.22 -4.46 13.20
C SER A 203 15.21 -5.96 12.99
N VAL A 204 16.20 -6.62 13.57
CA VAL A 204 16.38 -8.06 13.40
C VAL A 204 15.98 -8.77 14.69
N GLY A 205 15.24 -9.85 14.54
CA GLY A 205 14.82 -10.67 15.65
C GLY A 205 14.71 -12.12 15.24
N LYS A 206 14.07 -12.93 16.08
CA LYS A 206 13.94 -14.37 15.84
C LYS A 206 12.54 -14.84 16.23
N VAL A 207 12.07 -15.87 15.56
CA VAL A 207 10.77 -16.46 15.87
C VAL A 207 10.98 -17.70 16.76
N LYS A 208 10.23 -17.74 17.87
CA LYS A 208 10.17 -18.91 18.75
C LYS A 208 8.76 -19.46 18.65
N ALA A 209 8.61 -20.70 18.18
CA ALA A 209 7.28 -21.27 17.97
C ALA A 209 7.19 -22.76 18.28
N ASN A 210 6.16 -23.10 19.04
CA ASN A 210 5.79 -24.49 19.32
C ASN A 210 4.28 -24.57 19.59
N LYS A 211 3.80 -25.69 20.12
CA LYS A 211 2.37 -25.87 20.38
C LYS A 211 1.74 -24.80 21.29
N LYS A 212 2.53 -24.15 22.13
CA LYS A 212 2.04 -23.08 23.01
C LYS A 212 1.70 -21.79 22.25
N GLY A 213 2.30 -21.62 21.06
CA GLY A 213 2.09 -20.40 20.27
C GLY A 213 3.39 -19.85 19.71
N VAL A 214 3.41 -18.54 19.45
CA VAL A 214 4.56 -17.85 18.88
C VAL A 214 4.99 -16.72 19.81
N THR A 215 6.28 -16.65 20.12
CA THR A 215 6.87 -15.43 20.69
C THR A 215 8.04 -14.99 19.85
N LEU A 216 8.49 -13.77 20.08
CA LEU A 216 9.58 -13.17 19.34
C LEU A 216 10.68 -12.80 20.31
N THR A 217 11.92 -12.91 19.84
CA THR A 217 13.08 -12.45 20.61
C THR A 217 13.88 -11.50 19.72
N GLY A 218 14.78 -10.73 20.32
CA GLY A 218 15.54 -9.74 19.58
C GLY A 218 14.74 -8.46 19.41
N PHE A 219 14.84 -7.84 18.23
CA PHE A 219 14.17 -6.57 17.99
C PHE A 219 14.52 -5.54 19.07
N ASN A 220 15.79 -5.51 19.43
CA ASN A 220 16.27 -4.58 20.45
C ASN A 220 17.13 -3.47 19.85
N LYS A 221 17.62 -3.69 18.63
CA LYS A 221 18.42 -2.69 17.93
C LYS A 221 17.73 -2.29 16.63
N VAL A 222 17.75 -0.99 16.34
CA VAL A 222 17.17 -0.49 15.10
C VAL A 222 18.25 0.16 14.24
N THR A 223 18.32 -0.25 12.97
CA THR A 223 19.26 0.37 12.04
C THR A 223 18.53 1.39 11.17
N ASP A 224 19.07 2.60 11.08
CA ASP A 224 18.48 3.67 10.27
C ASP A 224 19.00 3.50 8.85
N LEU A 225 18.10 3.10 7.94
CA LEU A 225 18.50 2.77 6.56
C LEU A 225 18.47 3.98 5.61
N LEU A 226 17.34 4.69 5.58
CA LEU A 226 17.11 5.73 4.58
C LEU A 226 16.23 6.84 5.13
N GLN A 227 16.58 8.07 4.77
CA GLN A 227 15.67 9.18 4.94
C GLN A 227 15.63 9.98 3.63
N ALA A 228 14.57 10.75 3.41
CA ALA A 228 14.44 11.47 2.15
C ALA A 228 15.65 12.37 1.88
N ASP A 229 16.08 12.38 0.63
CA ASP A 229 17.35 13.00 0.21
C ASP A 229 17.24 14.41 -0.39
N GLY A 230 16.11 14.74 -1.01
CA GLY A 230 15.91 16.08 -1.57
C GLY A 230 16.23 16.21 -3.05
N THR A 231 16.84 15.18 -3.63
CA THR A 231 17.11 15.16 -5.07
C THR A 231 16.16 14.20 -5.77
N TYR A 232 16.09 12.96 -5.27
CA TYR A 232 15.12 11.99 -5.79
C TYR A 232 13.80 11.99 -5.02
N TYR A 233 13.89 12.12 -3.70
CA TYR A 233 12.71 11.99 -2.82
C TYR A 233 12.57 13.22 -1.95
N GLN A 234 11.38 13.81 -1.98
CA GLN A 234 11.04 15.05 -1.30
C GLN A 234 11.26 14.97 0.21
N THR A 235 11.85 16.03 0.78
CA THR A 235 12.13 16.11 2.21
C THR A 235 11.12 17.01 2.92
N GLY A 236 11.22 17.04 4.25
CA GLY A 236 10.38 17.90 5.08
C GLY A 236 10.59 19.38 4.78
N ALA A 237 11.82 19.74 4.41
CA ALA A 237 12.14 21.14 4.14
C ALA A 237 11.44 21.62 2.87
N GLN A 238 11.30 20.71 1.91
CA GLN A 238 10.58 20.98 0.66
C GLN A 238 9.07 20.95 0.84
N ASN A 239 8.60 20.10 1.75
CA ASN A 239 7.18 19.86 1.98
C ASN A 239 6.94 19.38 3.39
N GLU A 240 6.29 20.23 4.18
CA GLU A 240 5.96 19.91 5.57
C GLU A 240 5.28 18.54 5.71
N PHE A 241 4.38 18.23 4.79
CA PHE A 241 3.68 16.95 4.84
C PHE A 241 4.09 15.99 3.71
N PHE A 242 5.40 15.92 3.45
CA PHE A 242 5.97 14.93 2.51
C PHE A 242 5.66 13.50 2.97
N ASN A 243 5.62 12.60 2.00
CA ASN A 243 5.41 11.18 2.24
C ASN A 243 6.72 10.48 1.98
N PHE A 244 7.10 9.60 2.90
CA PHE A 244 8.29 8.78 2.77
C PHE A 244 8.12 7.61 3.72
N ARG A 245 7.79 6.44 3.19
CA ARG A 245 7.44 5.28 3.99
C ARG A 245 7.24 3.99 3.17
N ASP A 246 7.03 2.88 3.90
CA ASP A 246 6.51 1.61 3.39
C ASP A 246 7.52 0.75 2.59
N PRO A 247 8.63 0.36 3.22
CA PRO A 247 9.62 -0.49 2.55
C PRO A 247 9.13 -1.90 2.23
N PHE A 248 9.29 -2.30 0.98
CA PHE A 248 9.03 -3.67 0.53
C PHE A 248 10.30 -4.16 -0.14
N THR A 249 10.93 -5.19 0.43
CA THR A 249 12.15 -5.76 -0.18
C THR A 249 11.91 -7.05 -0.98
N PHE A 250 12.80 -7.32 -1.92
CA PHE A 250 12.63 -8.45 -2.83
C PHE A 250 13.91 -8.66 -3.61
N GLU A 251 13.94 -9.77 -4.36
CA GLU A 251 14.99 -10.04 -5.31
CA GLU A 251 14.98 -10.03 -5.31
C GLU A 251 14.37 -10.04 -6.70
N ASP A 252 15.00 -9.34 -7.62
CA ASP A 252 14.55 -9.28 -9.01
C ASP A 252 15.15 -10.48 -9.78
N PRO A 253 14.30 -11.33 -10.36
CA PRO A 253 14.79 -12.45 -11.20
C PRO A 253 15.79 -11.99 -12.28
N ALA A 254 15.52 -10.82 -12.87
CA ALA A 254 16.42 -10.21 -13.86
C ALA A 254 17.76 -9.77 -13.28
N HIS A 255 17.83 -9.59 -11.96
CA HIS A 255 19.08 -9.17 -11.32
C HIS A 255 19.53 -10.04 -10.15
N PRO A 256 19.99 -11.26 -10.47
CA PRO A 256 20.40 -12.24 -9.47
C PRO A 256 21.44 -11.66 -8.52
N GLY A 257 21.34 -12.04 -7.26
CA GLY A 257 22.35 -11.72 -6.27
C GLY A 257 22.42 -10.28 -5.83
N GLU A 258 21.30 -9.57 -5.96
CA GLU A 258 21.14 -8.27 -5.33
C GLU A 258 19.77 -8.16 -4.68
N THR A 259 19.63 -7.24 -3.74
CA THR A 259 18.34 -7.00 -3.08
C THR A 259 17.90 -5.57 -3.34
N PHE A 260 16.61 -5.42 -3.69
CA PHE A 260 16.02 -4.11 -3.95
C PHE A 260 14.91 -3.84 -2.94
N MET A 261 14.45 -2.60 -2.91
CA MET A 261 13.37 -2.16 -2.04
C MET A 261 12.58 -1.11 -2.81
N VAL A 262 11.26 -1.22 -2.78
CA VAL A 262 10.40 -0.10 -3.19
C VAL A 262 9.78 0.54 -1.93
N PHE A 263 9.39 1.81 -2.04
CA PHE A 263 8.79 2.57 -0.95
C PHE A 263 8.03 3.74 -1.56
N GLU A 264 7.16 4.37 -0.77
CA GLU A 264 6.46 5.58 -1.16
C GLU A 264 7.32 6.82 -0.92
N GLY A 265 7.34 7.72 -1.89
CA GLY A 265 7.92 9.05 -1.67
C GLY A 265 7.09 10.11 -2.36
N ASN A 266 7.63 11.31 -2.43
CA ASN A 266 7.16 12.34 -3.34
C ASN A 266 8.31 12.78 -4.25
N SER A 267 7.97 13.30 -5.42
CA SER A 267 8.95 13.93 -6.31
C SER A 267 9.63 15.07 -5.56
N ALA A 268 10.94 15.17 -5.72
CA ALA A 268 11.74 16.13 -4.95
C ALA A 268 11.67 17.53 -5.54
N MET A 269 10.56 18.20 -5.28
CA MET A 269 10.31 19.58 -5.72
C MET A 269 9.85 20.36 -4.51
N GLN A 270 10.23 21.63 -4.43
CA GLN A 270 9.69 22.53 -3.42
C GLN A 270 8.17 22.62 -3.60
N ARG A 271 7.43 22.37 -2.52
CA ARG A 271 5.97 22.26 -2.56
C ARG A 271 5.25 23.37 -3.35
N GLU A 272 5.47 24.62 -2.94
CA GLU A 272 4.68 25.76 -3.43
C GLU A 272 5.14 26.28 -4.81
N THR A 273 6.24 25.75 -5.32
CA THR A 273 6.73 26.12 -6.66
C THR A 273 6.88 24.91 -7.59
N ALA A 274 6.26 23.80 -7.20
CA ALA A 274 6.25 22.59 -8.01
C ALA A 274 5.53 22.86 -9.33
N THR A 275 6.01 22.26 -10.42
CA THR A 275 5.40 22.43 -11.73
C THR A 275 5.36 21.10 -12.45
N CYS A 276 4.38 20.96 -13.34
CA CYS A 276 4.27 19.75 -14.16
C CYS A 276 4.58 20.12 -15.61
N ASN A 277 4.91 19.11 -16.42
CA ASN A 277 5.25 19.34 -17.81
C ASN A 277 4.41 18.49 -18.78
N GLU A 278 4.75 18.52 -20.08
CA GLU A 278 3.99 17.79 -21.11
C GLU A 278 3.95 16.29 -20.89
N ALA A 279 5.08 15.72 -20.43
CA ALA A 279 5.17 14.30 -20.13
C ALA A 279 4.24 13.88 -18.97
N ASP A 280 4.08 14.75 -17.97
CA ASP A 280 3.17 14.50 -16.84
C ASP A 280 1.71 14.48 -17.30
N LEU A 281 1.39 15.32 -18.29
CA LEU A 281 0.07 15.35 -18.89
C LEU A 281 -0.11 14.13 -19.80
N GLY A 282 0.88 13.89 -20.65
CA GLY A 282 0.95 12.66 -21.43
C GLY A 282 -0.13 12.49 -22.50
N TYR A 283 -0.57 13.60 -23.09
CA TYR A 283 -1.57 13.52 -24.15
C TYR A 283 -0.95 13.23 -25.52
N ARG A 284 -1.67 12.47 -26.34
CA ARG A 284 -1.29 12.28 -27.73
C ARG A 284 -1.57 13.56 -28.51
N GLN A 285 -0.70 13.84 -29.49
CA GLN A 285 -0.78 15.05 -30.30
C GLN A 285 -2.17 15.17 -30.94
N GLY A 286 -2.79 16.33 -30.76
CA GLY A 286 -4.09 16.61 -31.37
C GLY A 286 -5.31 16.08 -30.65
N ASP A 287 -5.11 15.29 -29.59
CA ASP A 287 -6.24 14.75 -28.83
C ASP A 287 -7.19 15.90 -28.48
N PRO A 288 -8.47 15.78 -28.90
CA PRO A 288 -9.47 16.83 -28.62
C PRO A 288 -9.69 17.13 -27.13
N TYR A 289 -9.27 16.20 -26.26
CA TYR A 289 -9.45 16.33 -24.81
C TYR A 289 -8.18 16.73 -24.05
N ALA A 290 -7.12 17.05 -24.78
CA ALA A 290 -5.84 17.44 -24.18
C ALA A 290 -5.95 18.69 -23.32
N GLU A 291 -5.17 18.75 -22.24
CA GLU A 291 -5.09 19.94 -21.39
C GLU A 291 -3.79 20.67 -21.69
N THR A 292 -3.71 21.94 -21.31
CA THR A 292 -2.43 22.64 -21.43
C THR A 292 -1.69 22.59 -20.12
N VAL A 293 -0.37 22.58 -20.23
CA VAL A 293 0.54 22.64 -19.10
C VAL A 293 0.23 23.85 -18.20
N ASP A 294 -0.10 24.99 -18.82
CA ASP A 294 -0.41 26.22 -18.06
C ASP A 294 -1.68 26.06 -17.21
N ASP A 295 -2.71 25.46 -17.78
CA ASP A 295 -3.98 25.23 -17.08
C ASP A 295 -3.79 24.28 -15.90
N VAL A 296 -3.08 23.18 -16.13
CA VAL A 296 -2.80 22.21 -15.06
C VAL A 296 -1.98 22.84 -13.94
N ASN A 297 -0.91 23.55 -14.30
CA ASN A 297 -0.07 24.24 -13.30
C ASN A 297 -0.84 25.31 -12.53
N ALA A 298 -1.87 25.87 -13.15
CA ALA A 298 -2.71 26.88 -12.50
C ALA A 298 -3.83 26.27 -11.67
N SER A 299 -4.11 24.99 -11.91
CA SER A 299 -5.27 24.28 -11.31
C SER A 299 -5.13 23.91 -9.83
N GLY A 300 -3.89 23.78 -9.35
CA GLY A 300 -3.63 23.27 -8.01
C GLY A 300 -3.11 21.84 -8.03
N ALA A 301 -3.11 21.24 -9.22
CA ALA A 301 -2.68 19.86 -9.42
C ALA A 301 -1.22 19.64 -9.04
N THR A 302 -0.43 20.71 -9.04
CA THR A 302 0.99 20.63 -8.69
C THR A 302 1.25 20.25 -7.22
N TYR A 303 0.24 20.33 -6.37
CA TYR A 303 0.36 19.88 -4.98
C TYR A 303 0.25 18.35 -4.83
N GLN A 304 0.01 17.66 -5.94
CA GLN A 304 -0.08 16.21 -5.97
C GLN A 304 1.07 15.65 -6.81
N ILE A 305 2.15 15.27 -6.12
CA ILE A 305 3.38 14.81 -6.74
C ILE A 305 3.96 13.58 -6.03
N GLY A 306 3.15 12.55 -5.86
CA GLY A 306 3.60 11.30 -5.25
C GLY A 306 4.55 10.55 -6.20
N ASN A 307 5.42 9.72 -5.64
CA ASN A 307 6.22 8.81 -6.46
C ASN A 307 6.47 7.48 -5.77
N VAL A 308 7.01 6.53 -6.53
CA VAL A 308 7.43 5.26 -5.96
C VAL A 308 8.95 5.19 -6.12
N GLY A 309 9.64 5.04 -4.99
CA GLY A 309 11.09 4.99 -4.98
C GLY A 309 11.69 3.60 -5.09
N LEU A 310 12.97 3.56 -5.46
CA LEU A 310 13.73 2.32 -5.49
C LEU A 310 15.06 2.52 -4.77
N ALA A 311 15.47 1.49 -4.03
CA ALA A 311 16.77 1.45 -3.38
C ALA A 311 17.40 0.08 -3.57
N LYS A 312 18.72 0.04 -3.52
CA LYS A 312 19.48 -1.19 -3.69
C LYS A 312 20.35 -1.39 -2.48
N ALA A 313 20.34 -2.61 -1.93
CA ALA A 313 21.17 -2.93 -0.77
C ALA A 313 22.65 -2.94 -1.14
N LYS A 314 23.47 -2.37 -0.26
CA LYS A 314 24.91 -2.27 -0.48
C LYS A 314 25.71 -3.41 0.17
N ASN A 315 25.05 -4.18 1.02
CA ASN A 315 25.67 -5.34 1.67
C ASN A 315 24.67 -6.48 1.81
N LYS A 316 25.15 -7.66 2.18
CA LYS A 316 24.30 -8.84 2.34
C LYS A 316 23.45 -8.79 3.61
N GLN A 317 23.90 -8.04 4.61
CA GLN A 317 23.15 -7.91 5.85
C GLN A 317 21.91 -7.02 5.70
N LEU A 318 21.84 -6.30 4.57
CA LEU A 318 20.72 -5.38 4.26
C LEU A 318 20.63 -4.23 5.28
N THR A 319 21.79 -3.85 5.81
CA THR A 319 21.89 -2.78 6.78
C THR A 319 22.35 -1.47 6.14
N GLU A 320 22.67 -1.51 4.85
CA GLU A 320 23.16 -0.36 4.09
C GLU A 320 22.50 -0.31 2.72
N TRP A 321 21.93 0.85 2.40
CA TRP A 321 21.13 0.98 1.19
C TRP A 321 21.53 2.22 0.40
N GLU A 322 21.32 2.15 -0.91
CA GLU A 322 21.63 3.22 -1.84
C GLU A 322 20.32 3.56 -2.57
N PHE A 323 19.95 4.83 -2.57
CA PHE A 323 18.81 5.32 -3.34
C PHE A 323 19.07 5.17 -4.83
N LEU A 324 18.07 4.72 -5.57
CA LEU A 324 18.10 4.78 -7.01
C LEU A 324 16.97 5.74 -7.42
N PRO A 325 16.97 6.21 -8.67
CA PRO A 325 15.93 7.13 -9.10
C PRO A 325 14.52 6.54 -8.97
N PRO A 326 13.49 7.41 -8.90
CA PRO A 326 12.14 6.89 -8.72
C PRO A 326 11.74 6.02 -9.91
N ILE A 327 10.95 4.99 -9.65
CA ILE A 327 10.48 4.13 -10.74
C ILE A 327 9.15 4.58 -11.33
N LEU A 328 8.37 5.32 -10.54
CA LEU A 328 7.09 5.83 -10.99
C LEU A 328 6.86 7.17 -10.33
N SER A 329 6.36 8.12 -11.11
CA SER A 329 5.90 9.40 -10.59
C SER A 329 4.48 9.64 -11.06
N ALA A 330 3.70 10.28 -10.18
CA ALA A 330 2.32 10.64 -10.45
C ALA A 330 2.14 12.16 -10.30
N ASN A 331 3.07 12.91 -10.90
CA ASN A 331 3.03 14.37 -10.82
C ASN A 331 1.76 14.89 -11.46
N CYS A 332 1.08 15.76 -10.71
CA CYS A 332 -0.25 16.30 -11.05
C CYS A 332 -1.32 15.22 -11.23
N VAL A 333 -1.12 14.08 -10.59
CA VAL A 333 -2.10 13.00 -10.63
C VAL A 333 -2.55 12.63 -9.22
N THR A 334 -1.60 12.27 -8.36
CA THR A 334 -1.89 12.02 -6.96
C THR A 334 -0.73 12.34 -6.02
N ASP A 335 -1.08 12.75 -4.81
CA ASP A 335 -0.12 12.97 -3.74
C ASP A 335 0.41 11.64 -3.19
N GLN A 336 -0.38 10.59 -3.30
CA GLN A 336 -0.08 9.36 -2.56
C GLN A 336 -0.16 8.07 -3.35
N THR A 337 1.02 7.51 -3.61
CA THR A 337 1.13 6.14 -4.08
C THR A 337 1.74 5.34 -2.94
N GLU A 338 0.87 4.75 -2.11
CA GLU A 338 1.26 4.12 -0.85
C GLU A 338 1.55 2.63 -0.99
N ARG A 339 2.23 2.09 0.01
CA ARG A 339 2.58 0.67 0.12
C ARG A 339 2.87 -0.01 -1.22
N PRO A 340 3.87 0.52 -1.96
CA PRO A 340 4.19 -0.20 -3.19
C PRO A 340 4.77 -1.58 -2.93
N GLN A 341 4.49 -2.51 -3.85
CA GLN A 341 5.09 -3.81 -3.85
C GLN A 341 5.38 -4.17 -5.30
N ILE A 342 6.42 -4.94 -5.53
CA ILE A 342 6.66 -5.54 -6.85
C ILE A 342 6.24 -7.00 -6.82
N TYR A 343 5.32 -7.36 -7.72
CA TYR A 343 4.76 -8.70 -7.83
C TYR A 343 5.25 -9.27 -9.15
N PHE A 344 5.83 -10.46 -9.12
CA PHE A 344 6.41 -11.06 -10.33
C PHE A 344 5.52 -12.15 -10.92
N LYS A 345 5.15 -12.00 -12.19
CA LYS A 345 4.28 -12.97 -12.87
C LYS A 345 4.58 -13.05 -14.37
N ASP A 346 4.70 -14.29 -14.88
CA ASP A 346 4.93 -14.56 -16.32
C ASP A 346 5.98 -13.64 -16.94
N GLY A 347 7.10 -13.47 -16.23
CA GLY A 347 8.23 -12.67 -16.71
C GLY A 347 8.00 -11.17 -16.74
N LYS A 348 6.87 -10.73 -16.20
CA LYS A 348 6.54 -9.31 -16.10
C LYS A 348 6.80 -8.82 -14.67
N SER A 349 6.99 -7.51 -14.51
CA SER A 349 7.07 -6.87 -13.19
C SER A 349 5.78 -6.06 -12.98
N TYR A 350 4.98 -6.47 -11.99
CA TYR A 350 3.79 -5.68 -11.62
C TYR A 350 4.10 -4.80 -10.41
N LEU A 351 3.93 -3.49 -10.57
CA LEU A 351 4.04 -2.57 -9.46
C LEU A 351 2.63 -2.26 -8.98
N PHE A 352 2.34 -2.65 -7.75
CA PHE A 352 1.04 -2.38 -7.14
C PHE A 352 1.20 -1.34 -6.06
N THR A 353 0.27 -0.42 -5.99
CA THR A 353 0.33 0.65 -5.02
C THR A 353 -1.10 1.04 -4.67
N ILE A 354 -1.28 1.60 -3.49
CA ILE A 354 -2.63 1.98 -3.03
C ILE A 354 -2.78 3.49 -2.99
N SER A 355 -4.00 3.95 -3.27
CA SER A 355 -4.29 5.38 -3.20
C SER A 355 -5.69 5.68 -2.66
N HIS A 356 -5.85 6.88 -2.11
CA HIS A 356 -7.16 7.35 -1.64
C HIS A 356 -7.86 8.08 -2.79
N ARG A 357 -9.17 8.26 -2.66
CA ARG A 357 -9.93 9.09 -3.60
C ARG A 357 -9.59 10.58 -3.46
N GLY A 358 -9.53 11.07 -2.20
CA GLY A 358 -9.30 12.48 -1.92
C GLY A 358 -7.94 13.02 -2.33
N THR A 359 -6.99 12.12 -2.54
CA THR A 359 -5.62 12.52 -2.88
C THR A 359 -5.39 12.77 -4.39
N PHE A 360 -6.41 12.52 -5.22
CA PHE A 360 -6.27 12.80 -6.65
C PHE A 360 -6.19 14.30 -6.95
N ALA A 361 -5.43 14.65 -7.98
CA ALA A 361 -5.25 16.05 -8.36
C ALA A 361 -6.52 16.63 -8.98
N ALA A 362 -6.63 17.95 -8.93
CA ALA A 362 -7.73 18.67 -9.59
C ALA A 362 -7.92 18.21 -11.03
N GLY A 363 -9.18 17.96 -11.40
CA GLY A 363 -9.50 17.46 -12.72
C GLY A 363 -9.65 15.95 -12.76
N LEU A 364 -9.05 15.28 -11.77
CA LEU A 364 -8.97 13.82 -11.74
C LEU A 364 -9.82 13.23 -10.63
N ASP A 365 -10.13 11.95 -10.78
CA ASP A 365 -10.95 11.23 -9.82
C ASP A 365 -10.85 9.72 -10.02
N GLY A 366 -10.93 8.96 -8.93
CA GLY A 366 -10.82 7.51 -8.96
C GLY A 366 -11.19 6.97 -7.60
N PRO A 367 -11.52 5.67 -7.53
CA PRO A 367 -11.88 5.09 -6.23
C PRO A 367 -10.69 4.86 -5.29
N GLU A 368 -10.99 4.70 -4.00
CA GLU A 368 -10.06 4.17 -3.03
C GLU A 368 -9.66 2.77 -3.45
N GLY A 369 -8.39 2.41 -3.31
CA GLY A 369 -7.99 1.02 -3.55
C GLY A 369 -6.62 0.81 -4.20
N VAL A 370 -6.51 -0.29 -4.95
CA VAL A 370 -5.26 -0.77 -5.52
C VAL A 370 -5.10 -0.28 -6.94
N TYR A 371 -3.98 0.39 -7.18
CA TYR A 371 -3.60 0.83 -8.50
C TYR A 371 -2.39 0.00 -8.93
N GLY A 372 -2.31 -0.34 -10.21
CA GLY A 372 -1.31 -1.29 -10.70
C GLY A 372 -0.74 -0.94 -12.05
N PHE A 373 0.47 -1.44 -12.31
CA PHE A 373 1.31 -1.05 -13.44
C PHE A 373 2.15 -2.26 -13.87
N VAL A 374 2.23 -2.53 -15.17
CA VAL A 374 3.00 -3.69 -15.65
C VAL A 374 4.12 -3.25 -16.59
N GLY A 375 5.26 -3.92 -16.50
CA GLY A 375 6.39 -3.68 -17.37
C GLY A 375 7.33 -4.86 -17.45
N ASP A 376 8.35 -4.76 -18.32
CA ASP A 376 9.32 -5.84 -18.50
C ASP A 376 10.53 -5.82 -17.56
N GLY A 377 10.53 -4.88 -16.63
CA GLY A 377 11.57 -4.79 -15.61
C GLY A 377 11.05 -4.04 -14.41
N ILE A 378 11.79 -4.08 -13.30
CA ILE A 378 11.42 -3.30 -12.11
C ILE A 378 11.50 -1.79 -12.39
N ARG A 379 12.42 -1.40 -13.26
CA ARG A 379 12.39 -0.07 -13.89
C ARG A 379 12.06 -0.27 -15.36
N SER A 380 10.89 0.22 -15.75
CA SER A 380 10.40 0.07 -17.11
C SER A 380 9.46 1.23 -17.43
N ASP A 381 9.08 1.37 -18.70
CA ASP A 381 8.02 2.30 -19.07
C ASP A 381 6.68 1.63 -18.76
N TYR A 382 6.37 1.59 -17.47
CA TYR A 382 5.24 0.87 -16.91
C TYR A 382 3.94 1.23 -17.61
N GLN A 383 3.12 0.20 -17.84
CA GLN A 383 1.83 0.34 -18.47
C GLN A 383 0.79 0.27 -17.35
N PRO A 384 0.07 1.38 -17.10
CA PRO A 384 -1.01 1.29 -16.11
C PRO A 384 -2.06 0.27 -16.55
N LEU A 385 -2.56 -0.51 -15.59
CA LEU A 385 -3.45 -1.63 -15.90
C LEU A 385 -4.83 -1.17 -16.33
N ASN A 386 -5.50 -2.03 -17.10
CA ASN A 386 -6.91 -1.88 -17.45
C ASN A 386 -7.23 -0.63 -18.27
N GLY A 387 -6.94 -0.69 -19.57
CA GLY A 387 -7.13 0.43 -20.48
C GLY A 387 -6.27 1.65 -20.15
N GLY A 388 -5.13 1.41 -19.51
CA GLY A 388 -4.18 2.48 -19.20
C GLY A 388 -4.61 3.36 -18.03
N SER A 389 -5.64 2.95 -17.32
CA SER A 389 -6.18 3.72 -16.20
C SER A 389 -5.33 3.62 -14.95
N GLY A 390 -4.78 2.43 -14.69
CA GLY A 390 -4.08 2.17 -13.45
C GLY A 390 -4.89 1.42 -12.41
N LEU A 391 -6.22 1.41 -12.54
CA LEU A 391 -7.06 0.75 -11.54
C LEU A 391 -7.01 -0.77 -11.57
N ALA A 392 -6.58 -1.37 -10.46
CA ALA A 392 -6.63 -2.83 -10.30
C ALA A 392 -7.86 -3.25 -9.51
N LEU A 393 -8.06 -2.62 -8.35
CA LEU A 393 -9.10 -3.02 -7.41
C LEU A 393 -9.60 -1.84 -6.60
N GLY A 394 -10.74 -1.29 -6.99
CA GLY A 394 -11.31 -0.14 -6.30
C GLY A 394 -12.44 -0.52 -5.38
N ASN A 395 -12.61 0.25 -4.31
CA ASN A 395 -13.80 0.14 -3.49
C ASN A 395 -15.02 0.51 -4.33
N PRO A 396 -16.18 -0.09 -4.03
CA PRO A 396 -17.37 0.30 -4.79
C PRO A 396 -17.62 1.80 -4.57
N THR A 397 -17.78 2.54 -5.66
CA THR A 397 -17.67 4.00 -5.64
C THR A 397 -18.56 4.56 -6.73
N ASN A 398 -19.41 5.52 -6.38
CA ASN A 398 -20.10 6.31 -7.39
C ASN A 398 -19.28 7.56 -7.67
N LEU A 399 -18.54 7.52 -8.78
CA LEU A 399 -17.63 8.59 -9.15
C LEU A 399 -18.37 9.88 -9.57
N ASN A 400 -19.69 9.78 -9.78
CA ASN A 400 -20.50 10.94 -10.12
C ASN A 400 -20.82 11.83 -8.89
N PHE A 401 -20.64 11.30 -7.69
CA PHE A 401 -20.91 12.06 -6.47
C PHE A 401 -19.66 12.22 -5.61
N LEU A 402 -19.65 13.25 -4.78
CA LEU A 402 -18.59 13.48 -3.80
C LEU A 402 -18.28 12.23 -2.99
N GLY A 403 -16.99 12.02 -2.74
CA GLY A 403 -16.54 10.84 -1.99
C GLY A 403 -16.83 10.88 -0.50
N GLY A 404 -16.97 12.08 0.07
CA GLY A 404 -17.11 12.23 1.52
C GLY A 404 -15.84 11.84 2.25
N GLN A 405 -15.96 11.55 3.56
CA GLN A 405 -14.82 11.12 4.40
C GLN A 405 -15.17 9.87 5.20
N PRO A 406 -14.15 9.09 5.61
CA PRO A 406 -14.47 7.89 6.39
C PRO A 406 -15.18 8.20 7.71
N PHE A 407 -15.02 9.42 8.23
CA PHE A 407 -15.74 9.84 9.46
C PHE A 407 -17.04 10.58 9.14
N ALA A 408 -17.33 10.75 7.85
CA ALA A 408 -18.56 11.43 7.40
C ALA A 408 -18.90 11.04 5.96
N PRO A 409 -19.46 9.83 5.78
CA PRO A 409 -19.81 9.35 4.44
C PRO A 409 -20.81 10.25 3.71
N ASP A 410 -20.67 10.33 2.40
CA ASP A 410 -21.50 11.23 1.59
C ASP A 410 -22.88 10.63 1.37
N PHE A 411 -23.88 11.51 1.39
CA PHE A 411 -25.29 11.18 1.23
C PHE A 411 -25.56 10.24 0.05
N ASN A 412 -24.87 10.45 -1.07
CA ASN A 412 -25.16 9.71 -2.30
C ASN A 412 -24.16 8.60 -2.62
N GLN A 413 -23.18 8.38 -1.74
CA GLN A 413 -22.11 7.42 -2.01
C GLN A 413 -22.53 5.98 -1.73
N HIS A 414 -21.89 5.04 -2.43
CA HIS A 414 -21.97 3.62 -2.09
C HIS A 414 -21.45 3.42 -0.65
N PRO A 415 -22.17 2.62 0.16
CA PRO A 415 -21.78 2.41 1.55
C PRO A 415 -20.46 1.66 1.72
N GLY A 416 -19.92 1.11 0.64
CA GLY A 416 -18.61 0.47 0.66
C GLY A 416 -17.47 1.31 0.13
N HIS A 417 -17.72 2.60 -0.07
CA HIS A 417 -16.70 3.57 -0.54
C HIS A 417 -15.36 3.47 0.22
N PHE A 418 -15.46 3.25 1.53
CA PHE A 418 -14.27 3.20 2.40
C PHE A 418 -14.15 1.84 3.08
N GLN A 419 -14.73 0.81 2.49
CA GLN A 419 -14.81 -0.51 3.11
C GLN A 419 -13.45 -1.18 3.32
N ALA A 420 -12.44 -0.75 2.56
CA ALA A 420 -11.13 -1.37 2.62
C ALA A 420 -10.02 -0.39 2.28
N TYR A 421 -8.87 -0.61 2.91
CA TYR A 421 -7.65 0.12 2.58
C TYR A 421 -6.42 -0.72 2.93
N SER A 422 -5.25 -0.23 2.51
CA SER A 422 -3.95 -0.92 2.64
C SER A 422 -4.01 -2.31 2.06
N HIS A 423 -4.62 -2.42 0.89
CA HIS A 423 -4.66 -3.68 0.19
C HIS A 423 -3.23 -4.20 0.00
N TYR A 424 -3.07 -5.52 0.02
CA TYR A 424 -1.78 -6.16 -0.24
C TYR A 424 -2.04 -7.38 -1.11
N VAL A 425 -1.32 -7.47 -2.23
CA VAL A 425 -1.52 -8.57 -3.17
C VAL A 425 -0.60 -9.73 -2.83
N MET A 426 -1.23 -10.87 -2.53
CA MET A 426 -0.54 -12.07 -2.10
C MET A 426 -0.38 -13.04 -3.27
N PRO A 427 0.38 -14.14 -3.07
CA PRO A 427 0.54 -15.13 -4.15
C PRO A 427 -0.81 -15.64 -4.67
N GLY A 428 -0.91 -15.82 -5.99
CA GLY A 428 -2.14 -16.27 -6.63
C GLY A 428 -3.19 -15.18 -6.74
N GLY A 429 -2.79 -13.91 -6.56
CA GLY A 429 -3.70 -12.78 -6.71
C GLY A 429 -4.74 -12.62 -5.60
N LEU A 430 -4.50 -13.25 -4.46
CA LEU A 430 -5.38 -13.04 -3.31
C LEU A 430 -5.04 -11.68 -2.69
N VAL A 431 -6.05 -10.89 -2.37
CA VAL A 431 -5.81 -9.54 -1.86
C VAL A 431 -6.40 -9.38 -0.45
N GLN A 432 -5.55 -9.00 0.51
CA GLN A 432 -6.01 -8.75 1.86
C GLN A 432 -6.02 -7.24 2.14
N SER A 433 -6.85 -6.80 3.10
CA SER A 433 -7.02 -5.37 3.36
C SER A 433 -7.72 -5.16 4.70
N PHE A 434 -7.70 -3.92 5.21
CA PHE A 434 -8.40 -3.59 6.45
C PHE A 434 -9.63 -2.72 6.21
N ILE A 435 -10.59 -2.81 7.14
CA ILE A 435 -11.83 -2.07 7.05
C ILE A 435 -11.62 -0.72 7.69
N ASP A 436 -11.89 0.34 6.92
CA ASP A 436 -11.91 1.67 7.49
C ASP A 436 -13.35 2.00 7.90
N THR A 437 -14.25 2.17 6.92
CA THR A 437 -15.65 2.49 7.20
C THR A 437 -16.60 1.69 6.33
N ILE A 438 -17.68 1.20 6.92
CA ILE A 438 -18.79 0.69 6.13
C ILE A 438 -20.10 1.34 6.56
N GLY A 439 -20.87 1.83 5.57
CA GLY A 439 -22.24 2.27 5.82
C GLY A 439 -22.63 3.56 5.14
N THR A 440 -23.89 3.94 5.34
CA THR A 440 -24.45 5.14 4.73
C THR A 440 -24.17 6.40 5.58
N HIS A 441 -24.61 7.55 5.09
CA HIS A 441 -24.29 8.83 5.70
C HIS A 441 -24.70 8.94 7.17
N ASP A 442 -25.75 8.23 7.57
CA ASP A 442 -26.23 8.36 8.94
C ASP A 442 -26.19 7.05 9.75
N ASP A 443 -25.63 5.99 9.15
CA ASP A 443 -25.59 4.68 9.78
C ASP A 443 -24.33 3.97 9.30
N PHE A 444 -23.19 4.30 9.92
CA PHE A 444 -21.91 3.75 9.52
C PHE A 444 -21.10 3.29 10.73
N VAL A 445 -20.20 2.34 10.49
CA VAL A 445 -19.31 1.85 11.54
C VAL A 445 -17.85 1.89 11.10
N ARG A 446 -16.95 2.02 12.07
CA ARG A 446 -15.52 1.96 11.81
C ARG A 446 -15.01 0.53 11.97
N GLY A 447 -13.96 0.18 11.22
CA GLY A 447 -13.43 -1.19 11.22
C GLY A 447 -12.26 -1.44 12.16
N GLY A 448 -11.04 -1.20 11.67
CA GLY A 448 -9.85 -1.46 12.49
C GLY A 448 -9.67 -2.94 12.71
N THR A 449 -10.11 -3.73 11.72
CA THR A 449 -9.94 -5.18 11.63
C THR A 449 -9.84 -5.49 10.14
N LEU A 450 -9.42 -6.71 9.77
CA LEU A 450 -9.26 -7.02 8.35
C LEU A 450 -10.57 -7.42 7.66
N ALA A 451 -10.67 -7.06 6.38
CA ALA A 451 -11.79 -7.39 5.52
C ALA A 451 -11.68 -8.86 5.06
N PRO A 452 -12.70 -9.37 4.34
CA PRO A 452 -12.54 -10.68 3.74
C PRO A 452 -11.48 -10.59 2.64
N THR A 453 -10.69 -11.63 2.51
CA THR A 453 -9.69 -11.72 1.45
C THR A 453 -10.46 -11.99 0.17
N VAL A 454 -10.04 -11.34 -0.92
CA VAL A 454 -10.70 -11.47 -2.23
C VAL A 454 -9.69 -11.94 -3.27
N LYS A 455 -10.15 -12.24 -4.48
CA LYS A 455 -9.27 -12.79 -5.51
C LYS A 455 -9.32 -11.96 -6.79
N MET A 456 -8.14 -11.52 -7.23
CA MET A 456 -8.00 -10.75 -8.43
C MET A 456 -7.16 -11.57 -9.40
N ASP A 457 -7.73 -11.91 -10.54
CA ASP A 457 -6.99 -12.62 -11.56
C ASP A 457 -6.17 -11.62 -12.37
N ILE A 458 -4.86 -11.89 -12.47
CA ILE A 458 -3.90 -10.98 -13.09
C ILE A 458 -3.46 -11.50 -14.47
N GLY A 459 -3.69 -10.71 -15.50
CA GLY A 459 -3.35 -11.10 -16.87
C GLY A 459 -4.48 -11.84 -17.56
N VAL A 460 -5.69 -11.31 -17.41
CA VAL A 460 -6.94 -11.91 -17.89
C VAL A 460 -7.01 -11.97 -19.43
N GLY A 461 -7.53 -13.09 -19.95
CA GLY A 461 -7.37 -13.40 -21.36
C GLY A 461 -5.90 -13.70 -21.56
N GLY A 462 -5.36 -13.37 -22.71
CA GLY A 462 -3.91 -13.51 -22.91
C GLY A 462 -3.17 -12.22 -22.59
N ASP A 463 -3.84 -11.31 -21.87
CA ASP A 463 -3.42 -9.91 -21.79
C ASP A 463 -2.90 -9.51 -20.40
N PRO A 464 -1.56 -9.34 -20.28
CA PRO A 464 -0.92 -9.01 -19.00
C PRO A 464 -1.29 -7.64 -18.46
N THR A 465 -1.91 -6.78 -19.28
CA THR A 465 -2.31 -5.44 -18.84
C THR A 465 -3.68 -5.45 -18.15
N LYS A 466 -4.35 -6.60 -18.16
CA LYS A 466 -5.73 -6.70 -17.67
C LYS A 466 -5.87 -7.50 -16.38
N THR A 467 -6.75 -7.04 -15.49
CA THR A 467 -7.08 -7.79 -14.29
C THR A 467 -8.59 -7.93 -14.19
N ALA A 468 -9.06 -8.90 -13.41
CA ALA A 468 -10.49 -9.07 -13.16
C ALA A 468 -10.75 -9.75 -11.83
N VAL A 469 -11.69 -9.19 -11.08
CA VAL A 469 -12.12 -9.79 -9.82
C VAL A 469 -12.79 -11.12 -10.11
N ASP A 470 -12.46 -12.13 -9.30
CA ASP A 470 -13.08 -13.45 -9.40
C ASP A 470 -14.26 -13.54 -8.43
N TYR A 471 -15.46 -13.30 -8.93
CA TYR A 471 -16.69 -13.29 -8.13
C TYR A 471 -17.20 -14.67 -7.67
N SER A 472 -16.54 -15.72 -8.13
CA SER A 472 -16.90 -17.08 -7.72
C SER A 472 -16.06 -17.54 -6.54
N TYR A 473 -15.02 -16.76 -6.22
CA TYR A 473 -14.17 -17.03 -5.07
C TYR A 473 -14.97 -16.89 -3.77
N GLY A 474 -14.79 -17.83 -2.84
CA GLY A 474 -15.50 -17.80 -1.56
C GLY A 474 -16.99 -17.60 -1.75
N SER A 475 -17.58 -16.70 -0.96
CA SER A 475 -19.01 -16.40 -1.09
C SER A 475 -19.22 -15.11 -1.87
N GLU A 476 -19.63 -15.24 -3.12
CA GLU A 476 -19.89 -14.09 -4.01
C GLU A 476 -18.67 -13.17 -4.15
N GLY A 477 -17.48 -13.75 -4.07
CA GLY A 477 -16.24 -12.97 -4.19
C GLY A 477 -15.54 -12.75 -2.87
N LEU A 478 -16.22 -13.05 -1.77
CA LEU A 478 -15.63 -12.81 -0.44
C LEU A 478 -15.09 -14.10 0.18
N GLY A 479 -13.78 -14.13 0.43
CA GLY A 479 -13.12 -15.23 1.11
C GLY A 479 -13.17 -15.09 2.63
N GLY A 480 -12.22 -15.72 3.31
CA GLY A 480 -12.20 -15.70 4.78
C GLY A 480 -11.81 -14.34 5.33
N TRP A 481 -12.44 -13.96 6.45
CA TRP A 481 -12.09 -12.74 7.16
C TRP A 481 -10.64 -12.86 7.62
N ALA A 482 -9.82 -11.85 7.31
CA ALA A 482 -8.42 -11.84 7.76
C ALA A 482 -7.62 -13.05 7.29
N ASP A 483 -7.94 -13.54 6.10
CA ASP A 483 -7.28 -14.73 5.61
C ASP A 483 -5.98 -14.34 4.94
N ILE A 484 -4.87 -14.64 5.62
CA ILE A 484 -3.53 -14.39 5.09
C ILE A 484 -2.77 -15.71 5.05
N PRO A 485 -3.05 -16.55 4.02
CA PRO A 485 -2.52 -17.90 4.03
C PRO A 485 -1.05 -17.99 3.60
N ALA A 486 -0.30 -18.84 4.32
CA ALA A 486 1.05 -19.23 3.95
C ALA A 486 1.01 -20.22 2.78
N ASN A 487 1.93 -20.06 1.81
CA ASN A 487 2.14 -21.07 0.76
C ASN A 487 3.48 -21.81 0.91
N LYS A 488 4.28 -21.40 1.88
CA LYS A 488 5.52 -22.08 2.21
C LYS A 488 5.58 -22.32 3.71
N HIS A 489 6.31 -23.35 4.10
CA HIS A 489 6.31 -23.76 5.50
C HIS A 489 7.73 -24.04 5.96
N LEU A 490 8.06 -23.46 7.11
CA LEU A 490 9.40 -23.56 7.66
C LEU A 490 9.38 -24.22 9.03
N PHE A 491 10.45 -24.97 9.34
CA PHE A 491 10.67 -25.53 10.69
C PHE A 491 12.03 -25.08 11.21
N THR A 492 12.05 -24.53 12.43
CA THR A 492 13.27 -23.97 13.02
C THR A 492 13.44 -24.30 14.51
N ASN A 493 14.63 -24.00 15.04
CA ASN A 493 14.99 -24.28 16.44
C ASN A 493 14.16 -23.54 17.49
N GLY A 494 13.66 -22.36 17.13
CA GLY A 494 12.95 -21.48 18.06
C GLY A 494 11.81 -22.13 18.85
N LYS A 495 12.05 -22.30 20.16
CA LYS A 495 11.03 -22.77 21.09
C LYS A 495 11.05 -21.90 22.35
N PHE A 496 9.99 -22.00 23.15
CA PHE A 496 9.84 -21.19 24.36
C PHE A 496 8.89 -21.88 25.34
#